data_6R8L
#
_entry.id   6R8L
#
_cell.length_a   57.151
_cell.length_b   57.151
_cell.length_c   115.386
_cell.angle_alpha   90.00
_cell.angle_beta   90.00
_cell.angle_gamma   90.00
#
_symmetry.space_group_name_H-M   'P 43 21 2'
#
loop_
_entity.id
_entity.type
_entity.pdbx_description
1 polymer 'Peptidyl-prolyl cis-trans isomerase F, mitochondrial'
2 non-polymer 1-[2-[(2~{R})-2-(2-methylsulfanylphenyl)pyrrolidin-1-yl]-2-oxidanylidene-ethyl]-3-[[(1~{S},9~{S},10~{S})-10-oxidanyl-12-oxa-8-azatricyclo[7.3.1.0^{2,7}]trideca-2(7),3,5-trien-4-yl]methyl]urea
3 water water
#
_entity_poly.entity_id   1
_entity_poly.type   'polypeptide(L)'
_entity_poly.pdbx_seq_one_letter_code
;GNPLVYLDVDANGKPLGRVVLELKADVVPKTAENFRALCTGEKGFGYKGSTFHRVIPSFMCQAGDFTNHNGTGGKSIYGS
RFPDENFTLKHVGPGVLSMANAGPNTNGSQFFICTIKTDWLDGKHVVFGHVIEGMDVVKKIESFGSKSGRTSKKIVITDC
GQLS
;
_entity_poly.pdbx_strand_id   A
#
# COMPACT_ATOMS: atom_id res chain seq x y z
N GLY A 1 -12.03 -11.85 12.95
CA GLY A 1 -11.18 -12.19 11.83
C GLY A 1 -10.52 -10.99 11.19
N ASN A 2 -9.68 -11.24 10.17
CA ASN A 2 -8.97 -10.24 9.41
C ASN A 2 -9.72 -9.79 8.16
N PRO A 3 -9.79 -8.46 7.89
CA PRO A 3 -10.47 -7.99 6.67
C PRO A 3 -9.76 -8.41 5.38
N LEU A 4 -10.53 -8.62 4.30
CA LEU A 4 -10.00 -8.84 2.96
C LEU A 4 -10.40 -7.59 2.20
N VAL A 5 -9.43 -6.90 1.62
CA VAL A 5 -9.68 -5.69 0.84
C VAL A 5 -9.09 -5.86 -0.56
N TYR A 6 -9.49 -4.96 -1.46
CA TYR A 6 -9.04 -5.00 -2.85
C TYR A 6 -8.68 -3.64 -3.42
N LEU A 7 -7.80 -3.67 -4.42
CA LEU A 7 -7.39 -2.51 -5.22
C LEU A 7 -7.53 -2.92 -6.69
N ASP A 8 -8.34 -2.18 -7.47
CA ASP A 8 -8.44 -2.38 -8.91
C ASP A 8 -7.50 -1.35 -9.51
N VAL A 9 -6.52 -1.80 -10.30
CA VAL A 9 -5.47 -0.92 -10.80
C VAL A 9 -5.48 -0.81 -12.30
N ASP A 10 -5.26 0.40 -12.81
CA ASP A 10 -5.14 0.62 -14.24
C ASP A 10 -3.79 1.29 -14.59
N ALA A 11 -3.39 1.22 -15.86
CA ALA A 11 -2.17 1.84 -16.39
C ALA A 11 -2.59 2.63 -17.63
N ASN A 12 -2.51 3.98 -17.55
CA ASN A 12 -2.95 4.90 -18.62
C ASN A 12 -4.41 4.62 -19.07
N GLY A 13 -5.30 4.41 -18.10
CA GLY A 13 -6.71 4.14 -18.33
C GLY A 13 -7.06 2.71 -18.69
N LYS A 14 -6.06 1.80 -18.75
CA LYS A 14 -6.34 0.41 -19.11
C LYS A 14 -6.23 -0.54 -17.92
N PRO A 15 -7.30 -1.31 -17.61
CA PRO A 15 -7.27 -2.19 -16.43
C PRO A 15 -6.18 -3.25 -16.43
N LEU A 16 -5.49 -3.39 -15.27
CA LEU A 16 -4.42 -4.35 -15.03
C LEU A 16 -4.94 -5.55 -14.25
N GLY A 17 -6.01 -5.33 -13.49
CA GLY A 17 -6.60 -6.37 -12.68
C GLY A 17 -6.78 -5.98 -11.23
N ARG A 18 -7.01 -6.99 -10.38
CA ARG A 18 -7.30 -6.80 -8.97
C ARG A 18 -6.25 -7.37 -8.04
N VAL A 19 -5.89 -6.59 -7.01
CA VAL A 19 -4.98 -7.01 -5.95
C VAL A 19 -5.83 -7.21 -4.70
N VAL A 20 -5.82 -8.42 -4.13
CA VAL A 20 -6.58 -8.69 -2.90
C VAL A 20 -5.58 -8.77 -1.76
N LEU A 21 -5.86 -8.06 -0.68
CA LEU A 21 -4.98 -7.96 0.47
C LEU A 21 -5.64 -8.41 1.75
N GLU A 22 -4.89 -9.18 2.56
CA GLU A 22 -5.35 -9.53 3.90
C GLU A 22 -4.74 -8.50 4.81
N LEU A 23 -5.56 -7.91 5.68
CA LEU A 23 -5.09 -6.93 6.66
C LEU A 23 -5.04 -7.63 8.01
N LYS A 24 -3.83 -7.67 8.60
CA LYS A 24 -3.53 -8.36 9.85
C LYS A 24 -4.02 -7.59 11.10
N ALA A 25 -5.36 -7.46 11.22
CA ALA A 25 -6.04 -6.83 12.36
C ALA A 25 -5.76 -7.58 13.66
N ASP A 26 -5.43 -8.89 13.55
CA ASP A 26 -5.04 -9.72 14.68
C ASP A 26 -3.69 -9.27 15.30
N VAL A 27 -2.80 -8.60 14.50
CA VAL A 27 -1.48 -8.18 14.99
C VAL A 27 -1.39 -6.66 15.14
N VAL A 28 -1.90 -5.93 14.14
CA VAL A 28 -1.83 -4.45 14.11
C VAL A 28 -3.24 -3.90 13.85
N PRO A 29 -4.16 -3.98 14.83
CA PRO A 29 -5.53 -3.53 14.54
C PRO A 29 -5.68 -2.08 14.12
N LYS A 30 -4.90 -1.15 14.73
CA LYS A 30 -5.01 0.27 14.38
C LYS A 30 -4.55 0.52 12.96
N THR A 31 -3.43 -0.09 12.57
CA THR A 31 -2.89 0.07 11.22
C THR A 31 -3.82 -0.60 10.19
N ALA A 32 -4.30 -1.83 10.49
CA ALA A 32 -5.21 -2.53 9.58
C ALA A 32 -6.50 -1.69 9.36
N GLU A 33 -7.08 -1.14 10.45
CA GLU A 33 -8.32 -0.37 10.38
C GLU A 33 -8.17 0.87 9.50
N ASN A 34 -7.04 1.56 9.67
CA ASN A 34 -6.74 2.76 8.88
C ASN A 34 -6.78 2.37 7.40
N PHE A 35 -6.05 1.30 7.01
CA PHE A 35 -6.01 0.89 5.61
C PHE A 35 -7.38 0.45 5.12
N ARG A 36 -8.11 -0.33 5.96
CA ARG A 36 -9.45 -0.84 5.62
C ARG A 36 -10.38 0.32 5.28
N ALA A 37 -10.43 1.32 6.16
CA ALA A 37 -11.34 2.46 5.96
C ALA A 37 -10.92 3.32 4.76
N LEU A 38 -9.61 3.41 4.45
CA LEU A 38 -9.17 4.17 3.27
C LEU A 38 -9.56 3.47 1.97
N CYS A 39 -9.66 2.13 1.99
CA CYS A 39 -10.10 1.34 0.84
C CYS A 39 -11.61 1.56 0.58
N THR A 40 -12.42 1.55 1.65
CA THR A 40 -13.85 1.74 1.49
C THR A 40 -14.22 3.20 1.21
N GLY A 41 -13.38 4.14 1.68
CA GLY A 41 -13.64 5.57 1.56
C GLY A 41 -14.76 6.06 2.47
N GLU A 42 -15.14 5.25 3.48
CA GLU A 42 -16.24 5.53 4.41
C GLU A 42 -16.04 6.81 5.26
N LYS A 43 -14.79 7.32 5.38
CA LYS A 43 -14.54 8.56 6.14
C LYS A 43 -14.67 9.83 5.28
N GLY A 44 -14.94 9.64 3.99
CA GLY A 44 -15.07 10.75 3.05
C GLY A 44 -13.81 11.00 2.22
N PHE A 45 -12.77 10.17 2.43
CA PHE A 45 -11.51 10.24 1.70
C PHE A 45 -10.87 8.86 1.67
N GLY A 46 -9.94 8.66 0.76
CA GLY A 46 -9.27 7.37 0.67
C GLY A 46 -8.51 7.20 -0.61
N TYR A 47 -8.19 5.95 -0.93
CA TYR A 47 -7.33 5.59 -2.06
C TYR A 47 -7.97 5.68 -3.42
N LYS A 48 -9.32 5.59 -3.53
CA LYS A 48 -9.93 5.66 -4.86
C LYS A 48 -9.47 6.92 -5.66
N GLY A 49 -9.00 6.68 -6.88
CA GLY A 49 -8.55 7.74 -7.78
C GLY A 49 -7.11 8.19 -7.59
N SER A 50 -6.37 7.59 -6.63
CA SER A 50 -4.98 7.96 -6.41
C SER A 50 -4.00 7.00 -7.12
N THR A 51 -2.70 7.31 -7.08
CA THR A 51 -1.68 6.62 -7.87
C THR A 51 -0.62 5.85 -7.10
N PHE A 52 0.15 5.04 -7.84
CA PHE A 52 1.36 4.38 -7.37
C PHE A 52 2.43 5.37 -7.87
N HIS A 53 2.93 6.24 -6.97
CA HIS A 53 3.85 7.30 -7.38
C HIS A 53 5.32 6.86 -7.50
N ARG A 54 5.70 5.75 -6.86
CA ARG A 54 7.09 5.27 -6.87
C ARG A 54 7.08 3.77 -7.02
N VAL A 55 7.56 3.30 -8.18
CA VAL A 55 7.61 1.87 -8.46
C VAL A 55 9.05 1.52 -8.82
N ILE A 56 9.69 0.71 -7.99
CA ILE A 56 11.10 0.33 -8.20
C ILE A 56 11.19 -1.18 -8.44
N PRO A 57 11.53 -1.62 -9.66
CA PRO A 57 11.63 -3.07 -9.92
C PRO A 57 12.64 -3.76 -9.00
N SER A 58 12.30 -4.99 -8.54
CA SER A 58 13.10 -5.78 -7.59
C SER A 58 13.17 -5.12 -6.21
N PHE A 59 12.12 -4.36 -5.85
CA PHE A 59 12.04 -3.72 -4.55
C PHE A 59 10.61 -3.67 -4.08
N MET A 60 9.86 -2.66 -4.53
CA MET A 60 8.48 -2.44 -4.10
C MET A 60 7.69 -1.45 -4.99
N CYS A 61 6.36 -1.42 -4.82
CA CYS A 61 5.38 -0.52 -5.46
C CYS A 61 4.77 0.31 -4.33
N GLN A 62 4.96 1.65 -4.36
CA GLN A 62 4.52 2.58 -3.33
C GLN A 62 3.36 3.43 -3.82
N ALA A 63 2.36 3.61 -2.97
CA ALA A 63 1.16 4.38 -3.28
C ALA A 63 0.63 5.05 -2.00
N GLY A 64 -0.60 5.57 -2.08
CA GLY A 64 -1.32 6.09 -0.92
C GLY A 64 -1.30 7.58 -0.69
N ASP A 65 -0.59 8.34 -1.55
CA ASP A 65 -0.57 9.78 -1.39
C ASP A 65 -1.76 10.35 -2.17
N PHE A 66 -2.94 10.35 -1.53
CA PHE A 66 -4.16 10.81 -2.20
C PHE A 66 -4.39 12.31 -2.09
N THR A 67 -3.49 13.03 -1.36
CA THR A 67 -3.61 14.48 -1.16
C THR A 67 -2.72 15.25 -2.11
N ASN A 68 -1.41 14.89 -2.15
CA ASN A 68 -0.42 15.60 -2.98
C ASN A 68 -0.01 14.82 -4.24
N HIS A 69 -0.30 13.49 -4.31
CA HIS A 69 0.00 12.64 -5.48
C HIS A 69 1.47 12.71 -5.94
N ASN A 70 2.41 12.89 -4.98
CA ASN A 70 3.83 13.02 -5.35
C ASN A 70 4.78 12.39 -4.30
N GLY A 71 4.21 11.81 -3.25
CA GLY A 71 4.98 11.17 -2.19
C GLY A 71 5.21 12.00 -0.95
N THR A 72 4.69 13.23 -0.91
CA THR A 72 4.86 14.08 0.27
C THR A 72 3.63 14.08 1.16
N GLY A 73 2.51 13.58 0.66
CA GLY A 73 1.25 13.67 1.39
C GLY A 73 0.56 12.41 1.85
N GLY A 74 -0.75 12.53 1.91
CA GLY A 74 -1.66 11.52 2.45
C GLY A 74 -2.00 11.91 3.88
N LYS A 75 -2.91 11.15 4.47
CA LYS A 75 -3.38 11.34 5.85
C LYS A 75 -4.09 10.09 6.30
N SER A 76 -4.09 9.87 7.60
CA SER A 76 -4.73 8.69 8.15
C SER A 76 -6.16 9.02 8.52
N ILE A 77 -6.96 7.98 8.87
CA ILE A 77 -8.33 8.19 9.35
C ILE A 77 -8.33 8.82 10.76
N TYR A 78 -7.17 8.76 11.47
CA TYR A 78 -7.03 9.29 12.84
C TYR A 78 -6.61 10.76 12.90
N GLY A 79 -5.85 11.18 11.89
CA GLY A 79 -5.27 12.51 11.79
C GLY A 79 -4.20 12.51 10.73
N SER A 80 -3.33 13.52 10.75
CA SER A 80 -2.29 13.61 9.73
C SER A 80 -1.23 12.50 9.81
N ARG A 81 -0.96 11.99 11.01
CA ARG A 81 0.00 10.91 11.24
C ARG A 81 -0.36 10.13 12.51
N PHE A 82 0.08 8.86 12.59
CA PHE A 82 -0.16 8.05 13.79
C PHE A 82 1.08 7.21 14.15
N PRO A 83 1.23 6.80 15.43
CA PRO A 83 2.43 6.07 15.82
C PRO A 83 2.61 4.71 15.15
N ASP A 84 3.85 4.20 15.27
CA ASP A 84 4.22 2.87 14.82
C ASP A 84 3.60 1.92 15.84
N GLU A 85 2.65 1.13 15.39
CA GLU A 85 1.89 0.23 16.27
C GLU A 85 2.79 -0.83 16.95
N ASN A 86 3.57 -1.57 16.16
CA ASN A 86 4.57 -2.56 16.60
C ASN A 86 5.33 -2.98 15.37
N PHE A 87 6.42 -3.73 15.55
CA PHE A 87 7.18 -4.26 14.42
C PHE A 87 7.21 -5.79 14.49
N THR A 88 6.10 -6.39 14.95
CA THR A 88 5.96 -7.84 15.10
C THR A 88 6.09 -8.59 13.76
N LEU A 89 5.40 -8.09 12.72
CA LEU A 89 5.43 -8.70 11.38
C LEU A 89 6.66 -8.19 10.62
N LYS A 90 7.33 -9.09 9.89
CA LYS A 90 8.56 -8.74 9.16
C LYS A 90 8.36 -8.74 7.64
N HIS A 91 9.28 -8.10 6.92
CA HIS A 91 9.27 -8.04 5.47
C HIS A 91 9.95 -9.34 4.99
N VAL A 92 9.15 -10.43 4.97
CA VAL A 92 9.60 -11.80 4.72
C VAL A 92 9.79 -12.16 3.25
N GLY A 93 9.21 -11.37 2.35
CA GLY A 93 9.29 -11.66 0.92
C GLY A 93 8.33 -10.85 0.07
N PRO A 94 8.19 -11.23 -1.22
CA PRO A 94 7.25 -10.53 -2.11
C PRO A 94 5.81 -10.65 -1.60
N GLY A 95 5.01 -9.63 -1.84
CA GLY A 95 3.60 -9.62 -1.45
C GLY A 95 3.33 -8.98 -0.09
N VAL A 96 4.37 -8.72 0.71
CA VAL A 96 4.27 -8.06 2.02
C VAL A 96 3.72 -6.63 1.82
N LEU A 97 2.74 -6.26 2.63
CA LEU A 97 2.09 -4.95 2.67
C LEU A 97 2.56 -4.18 3.91
N SER A 98 3.17 -3.01 3.70
CA SER A 98 3.79 -2.26 4.77
C SER A 98 3.61 -0.75 4.63
N MET A 99 3.73 -0.02 5.76
CA MET A 99 3.55 1.44 5.82
C MET A 99 4.80 2.19 5.41
N ALA A 100 4.63 3.14 4.50
CA ALA A 100 5.69 4.07 4.16
C ALA A 100 5.74 5.09 5.31
N ASN A 101 6.85 5.83 5.44
CA ASN A 101 6.93 6.83 6.49
C ASN A 101 8.04 7.86 6.25
N ALA A 102 8.09 8.87 7.11
CA ALA A 102 9.11 9.93 7.08
C ALA A 102 9.89 9.86 8.40
N GLY A 103 10.12 8.62 8.86
CA GLY A 103 10.84 8.34 10.10
C GLY A 103 9.92 7.78 11.17
N PRO A 104 10.40 7.62 12.42
CA PRO A 104 9.55 7.05 13.48
C PRO A 104 8.24 7.79 13.73
N ASN A 105 7.15 7.04 13.93
CA ASN A 105 5.81 7.54 14.31
C ASN A 105 5.25 8.57 13.34
N THR A 106 5.36 8.30 12.03
CA THR A 106 4.87 9.21 10.98
C THR A 106 4.01 8.44 9.96
N ASN A 107 3.26 7.40 10.41
CA ASN A 107 2.39 6.68 9.47
C ASN A 107 1.23 7.60 9.09
N GLY A 108 0.80 7.54 7.83
CA GLY A 108 -0.33 8.33 7.36
C GLY A 108 -1.22 7.41 6.54
N SER A 109 -1.13 7.54 5.21
CA SER A 109 -1.84 6.67 4.28
C SER A 109 -0.90 6.00 3.28
N GLN A 110 0.32 6.53 3.09
CA GLN A 110 1.24 5.91 2.12
C GLN A 110 1.67 4.51 2.54
N PHE A 111 1.70 3.61 1.56
CA PHE A 111 2.01 2.23 1.78
C PHE A 111 2.79 1.68 0.61
N PHE A 112 3.26 0.44 0.77
CA PHE A 112 3.97 -0.25 -0.28
C PHE A 112 3.75 -1.75 -0.23
N ILE A 113 3.80 -2.38 -1.42
CA ILE A 113 3.70 -3.83 -1.61
C ILE A 113 5.08 -4.25 -2.13
N CYS A 114 5.73 -5.13 -1.38
CA CYS A 114 7.07 -5.63 -1.69
C CYS A 114 7.06 -6.57 -2.89
N THR A 115 8.11 -6.47 -3.71
CA THR A 115 8.29 -7.39 -4.85
C THR A 115 9.50 -8.33 -4.60
N ILE A 116 10.15 -8.18 -3.43
N ILE A 116 10.16 -8.15 -3.44
CA ILE A 116 11.27 -8.99 -2.93
CA ILE A 116 11.32 -8.91 -2.94
C ILE A 116 11.22 -8.97 -1.40
C ILE A 116 11.28 -8.91 -1.41
N LYS A 117 12.13 -9.72 -0.74
CA LYS A 117 12.23 -9.72 0.73
C LYS A 117 13.00 -8.44 1.10
N THR A 118 12.34 -7.52 1.81
CA THR A 118 12.92 -6.23 2.21
C THR A 118 13.22 -6.19 3.72
N ASP A 119 13.96 -7.20 4.20
CA ASP A 119 14.32 -7.40 5.61
C ASP A 119 15.10 -6.24 6.23
N TRP A 120 15.78 -5.41 5.41
CA TRP A 120 16.49 -4.24 5.90
C TRP A 120 15.51 -3.16 6.42
N LEU A 121 14.21 -3.33 6.11
CA LEU A 121 13.15 -2.42 6.57
C LEU A 121 12.49 -2.88 7.88
N ASP A 122 12.84 -4.10 8.35
CA ASP A 122 12.30 -4.62 9.62
C ASP A 122 12.63 -3.70 10.81
N GLY A 123 11.63 -3.38 11.63
CA GLY A 123 11.82 -2.52 12.78
C GLY A 123 11.78 -1.03 12.44
N LYS A 124 11.67 -0.71 11.12
CA LYS A 124 11.60 0.67 10.62
C LYS A 124 10.23 1.00 9.98
N HIS A 125 9.64 0.03 9.25
CA HIS A 125 8.32 0.19 8.61
C HIS A 125 7.37 -0.85 9.17
N VAL A 126 6.13 -0.42 9.48
CA VAL A 126 5.13 -1.32 10.07
C VAL A 126 4.48 -2.19 8.98
N VAL A 127 4.70 -3.50 9.08
CA VAL A 127 4.09 -4.49 8.17
C VAL A 127 2.67 -4.76 8.72
N PHE A 128 1.64 -4.76 7.85
CA PHE A 128 0.28 -4.93 8.35
C PHE A 128 -0.61 -5.84 7.50
N GLY A 129 -0.01 -6.54 6.54
CA GLY A 129 -0.78 -7.46 5.71
C GLY A 129 0.01 -8.04 4.56
N HIS A 130 -0.69 -8.74 3.67
CA HIS A 130 -0.05 -9.34 2.49
C HIS A 130 -1.03 -9.60 1.37
N VAL A 131 -0.48 -9.79 0.17
CA VAL A 131 -1.23 -10.15 -1.04
C VAL A 131 -1.79 -11.58 -0.91
N ILE A 132 -3.11 -11.72 -1.04
CA ILE A 132 -3.85 -12.99 -1.02
C ILE A 132 -3.93 -13.52 -2.45
N GLU A 133 -4.24 -12.62 -3.42
CA GLU A 133 -4.33 -12.91 -4.84
C GLU A 133 -4.02 -11.64 -5.65
N GLY A 134 -3.60 -11.84 -6.90
CA GLY A 134 -3.27 -10.71 -7.78
C GLY A 134 -1.82 -10.29 -7.73
N MET A 135 -0.91 -11.18 -7.27
CA MET A 135 0.52 -10.88 -7.27
C MET A 135 1.00 -10.65 -8.73
N ASP A 136 0.29 -11.24 -9.75
CA ASP A 136 0.56 -11.05 -11.18
C ASP A 136 0.27 -9.58 -11.57
N VAL A 137 -0.76 -8.96 -10.96
CA VAL A 137 -1.11 -7.55 -11.14
C VAL A 137 0.01 -6.66 -10.54
N VAL A 138 0.54 -7.05 -9.35
CA VAL A 138 1.65 -6.33 -8.68
C VAL A 138 2.89 -6.38 -9.61
N LYS A 139 3.14 -7.55 -10.26
CA LYS A 139 4.24 -7.70 -11.20
C LYS A 139 4.04 -6.83 -12.45
N LYS A 140 2.76 -6.61 -12.87
CA LYS A 140 2.41 -5.75 -14.01
C LYS A 140 2.75 -4.30 -13.62
N ILE A 141 2.33 -3.87 -12.41
CA ILE A 141 2.66 -2.52 -11.91
C ILE A 141 4.20 -2.36 -11.93
N GLU A 142 4.91 -3.34 -11.35
CA GLU A 142 6.37 -3.36 -11.28
C GLU A 142 7.06 -3.13 -12.64
N SER A 143 6.52 -3.74 -13.73
CA SER A 143 7.04 -3.60 -15.09
C SER A 143 6.98 -2.18 -15.66
N PHE A 144 6.10 -1.32 -15.11
CA PHE A 144 5.97 0.07 -15.53
C PHE A 144 6.83 1.02 -14.70
N GLY A 145 7.59 0.48 -13.76
CA GLY A 145 8.48 1.25 -12.91
C GLY A 145 9.88 1.36 -13.47
N SER A 146 10.77 1.99 -12.69
CA SER A 146 12.18 2.17 -13.05
C SER A 146 13.04 2.25 -11.78
N LYS A 147 14.37 2.14 -11.93
CA LYS A 147 15.26 2.18 -10.79
C LYS A 147 15.14 3.54 -10.07
N SER A 148 14.75 4.60 -10.82
CA SER A 148 14.54 5.96 -10.27
C SER A 148 13.20 6.03 -9.50
N GLY A 149 12.35 5.02 -9.68
CA GLY A 149 11.02 4.98 -9.07
C GLY A 149 9.98 5.60 -9.98
N ARG A 150 10.41 6.33 -11.04
CA ARG A 150 9.45 6.94 -11.96
C ARG A 150 8.74 5.89 -12.81
N THR A 151 7.44 6.10 -13.02
CA THR A 151 6.66 5.16 -13.84
C THR A 151 6.57 5.63 -15.29
N SER A 152 6.50 4.67 -16.23
CA SER A 152 6.42 4.94 -17.67
C SER A 152 4.96 5.13 -18.10
N LYS A 153 4.02 4.80 -17.21
CA LYS A 153 2.58 4.97 -17.42
C LYS A 153 1.98 5.46 -16.09
N LYS A 154 0.84 6.19 -16.13
CA LYS A 154 0.19 6.64 -14.90
C LYS A 154 -0.58 5.44 -14.30
N ILE A 155 -0.13 4.94 -13.11
CA ILE A 155 -0.72 3.78 -12.44
C ILE A 155 -1.73 4.30 -11.41
N VAL A 156 -3.03 4.05 -11.65
CA VAL A 156 -4.13 4.55 -10.82
C VAL A 156 -4.93 3.44 -10.16
N ILE A 157 -5.28 3.65 -8.88
CA ILE A 157 -6.18 2.78 -8.13
C ILE A 157 -7.59 3.29 -8.53
N THR A 158 -8.18 2.69 -9.60
CA THR A 158 -9.50 3.10 -10.11
C THR A 158 -10.66 2.83 -9.19
N ASP A 159 -10.54 1.77 -8.38
CA ASP A 159 -11.55 1.35 -7.43
C ASP A 159 -10.88 0.58 -6.32
N CYS A 160 -11.50 0.59 -5.13
CA CYS A 160 -11.03 -0.15 -3.98
C CYS A 160 -12.16 -0.36 -3.02
N GLY A 161 -12.04 -1.35 -2.15
CA GLY A 161 -13.10 -1.65 -1.19
C GLY A 161 -12.78 -2.82 -0.31
N GLN A 162 -13.80 -3.32 0.37
CA GLN A 162 -13.71 -4.44 1.29
C GLN A 162 -14.52 -5.61 0.75
N LEU A 163 -13.94 -6.82 0.82
CA LEU A 163 -14.56 -8.06 0.36
C LEU A 163 -15.23 -8.82 1.50
N SER A 164 -14.62 -8.77 2.70
CA SER A 164 -15.11 -9.40 3.94
C SER A 164 -14.37 -8.84 5.16
#